data_9L2M
#
_entry.id   9L2M
#
_cell.length_a   78.826
_cell.length_b   78.826
_cell.length_c   91.406
_cell.angle_alpha   90.00
_cell.angle_beta   90.00
_cell.angle_gamma   120.00
#
_symmetry.space_group_name_H-M   'P 32 2 1'
#
loop_
_entity.id
_entity.type
_entity.pdbx_description
1 polymer 'Cellulose-binding GDSL lipase/acylhydrolase'
2 non-polymer 'ACETATE ION'
3 water water
#
_entity_poly.entity_id   1
_entity_poly.type   'polypeptide(L)'
_entity_poly.pdbx_seq_one_letter_code
;MTGIPTVTARPWTQRPRAENSTTNPTYFFTFGDAYSQTGFSASGTQPSASNPMGNPDLGIGTTTNGPNWIGYLTTTENAS
LVLSYNLAAGGATIDNALVPAYPGDLASQFRLFEDVYADKPASAPWSAEDAVFGVWIGINDIGNAYYSTDAETYTPKLIS
RLESLVEEVYKNGGRKFLFLNVPPTSRSPLFLEQGEEVVKQHAEYLSVYNENLEGMVDDFTKKKGDVTTVLYDSWSFMTK
ILDDPTAYGFPDATCINDDGTSCIWWNNYHPGMKYHLLQAEDMKPKLRKLGGW
;
_entity_poly.pdbx_strand_id   A
#
loop_
_chem_comp.id
_chem_comp.type
_chem_comp.name
_chem_comp.formula
ACT non-polymer 'ACETATE ION' 'C2 H3 O2 -1'
#
# COMPACT_ATOMS: atom_id res chain seq x y z
N ASN A 24 6.84 -22.53 -8.69
CA ASN A 24 5.44 -22.11 -8.55
C ASN A 24 5.37 -20.76 -7.85
N PRO A 25 5.39 -19.69 -8.63
CA PRO A 25 5.43 -18.37 -8.03
C PRO A 25 4.08 -17.87 -7.53
N THR A 26 4.17 -16.93 -6.60
CA THR A 26 3.07 -16.06 -6.22
C THR A 26 3.24 -14.78 -7.04
N TYR A 27 2.18 -14.39 -7.74
CA TYR A 27 2.18 -13.12 -8.49
C TYR A 27 1.63 -12.03 -7.59
N PHE A 28 2.50 -11.12 -7.20
CA PHE A 28 2.12 -10.06 -6.23
C PHE A 28 1.95 -8.74 -6.96
N PHE A 29 0.68 -8.40 -7.20
CA PHE A 29 0.35 -7.13 -7.88
C PHE A 29 0.01 -6.10 -6.80
N THR A 30 0.74 -5.00 -6.84
CA THR A 30 0.52 -4.00 -5.81
C THR A 30 0.15 -2.66 -6.43
N PHE A 31 -0.65 -1.95 -5.64
CA PHE A 31 -1.20 -0.65 -6.05
C PHE A 31 -1.11 0.27 -4.84
N GLY A 32 -0.80 1.54 -5.09
CA GLY A 32 -0.67 2.46 -3.98
C GLY A 32 0.00 3.77 -4.33
N ASP A 33 0.68 4.35 -3.34
CA ASP A 33 1.26 5.70 -3.48
C ASP A 33 2.78 5.65 -3.23
N ALA A 34 3.35 6.78 -2.83
CA ALA A 34 4.79 6.78 -2.67
C ALA A 34 5.27 5.89 -1.54
N TYR A 35 4.41 5.47 -0.63
CA TYR A 35 4.84 4.52 0.42
C TYR A 35 5.11 3.15 -0.21
N SER A 36 4.69 3.00 -1.45
CA SER A 36 4.83 1.69 -2.13
C SER A 36 5.58 1.79 -3.48
N GLN A 37 5.75 2.99 -4.02
CA GLN A 37 6.33 3.09 -5.36
C GLN A 37 7.73 2.49 -5.43
N THR A 38 8.01 1.85 -6.55
CA THR A 38 9.40 1.49 -6.86
C THR A 38 9.83 1.94 -8.25
N GLY A 39 8.95 2.55 -9.04
CA GLY A 39 9.35 2.91 -10.39
C GLY A 39 9.28 1.78 -11.40
N PHE A 40 8.58 0.70 -11.06
CA PHE A 40 8.36 -0.41 -11.99
C PHE A 40 7.61 0.07 -13.24
N SER A 41 8.16 -0.24 -14.41
CA SER A 41 7.48 0.03 -15.64
C SER A 41 6.93 -1.24 -16.24
N ALA A 42 5.71 -1.18 -16.76
CA ALA A 42 5.16 -2.33 -17.46
C ALA A 42 5.92 -2.66 -18.74
N SER A 43 6.75 -1.75 -19.26
CA SER A 43 7.59 -2.06 -20.41
CA SER A 43 7.58 -2.08 -20.40
C SER A 43 9.04 -2.31 -20.04
N GLY A 44 9.38 -2.27 -18.77
CA GLY A 44 10.71 -2.61 -18.32
C GLY A 44 10.86 -4.12 -18.17
N THR A 45 12.05 -4.54 -17.73
CA THR A 45 12.27 -5.96 -17.48
C THR A 45 11.20 -6.53 -16.56
N GLN A 46 10.62 -7.68 -16.98
CA GLN A 46 9.52 -8.20 -16.21
C GLN A 46 10.01 -9.19 -15.16
N PRO A 47 9.22 -9.39 -14.11
CA PRO A 47 9.64 -10.28 -13.01
C PRO A 47 9.91 -11.71 -13.47
N SER A 48 10.91 -12.32 -12.85
CA SER A 48 11.26 -13.71 -13.09
C SER A 48 11.90 -14.23 -11.82
N ALA A 49 12.16 -15.53 -11.79
CA ALA A 49 12.76 -16.14 -10.60
C ALA A 49 14.13 -15.54 -10.31
N SER A 50 14.88 -15.20 -11.36
CA SER A 50 16.21 -14.62 -11.15
C SER A 50 16.13 -13.12 -10.86
N ASN A 51 14.96 -12.53 -10.99
CA ASN A 51 14.80 -11.08 -10.91
C ASN A 51 13.38 -10.79 -10.48
N PRO A 52 13.07 -11.04 -9.20
CA PRO A 52 11.65 -11.01 -8.79
C PRO A 52 11.00 -9.65 -8.86
N MET A 53 11.74 -8.53 -8.77
CA MET A 53 11.13 -7.22 -8.86
C MET A 53 10.86 -6.81 -10.30
N GLY A 54 11.52 -7.46 -11.26
CA GLY A 54 11.42 -7.05 -12.66
C GLY A 54 12.29 -5.82 -12.94
N ASN A 55 11.83 -4.67 -12.49
CA ASN A 55 12.57 -3.43 -12.69
C ASN A 55 11.99 -2.40 -11.74
N PRO A 56 12.76 -1.40 -11.34
CA PRO A 56 14.21 -1.33 -11.43
C PRO A 56 14.82 -2.32 -10.44
N ASP A 57 16.15 -2.30 -10.28
CA ASP A 57 16.78 -3.16 -9.29
C ASP A 57 16.17 -2.95 -7.92
N LEU A 58 16.16 -4.03 -7.15
CA LEU A 58 15.75 -3.98 -5.75
C LEU A 58 16.49 -2.87 -5.03
N GLY A 59 15.72 -1.97 -4.42
CA GLY A 59 16.29 -0.89 -3.64
C GLY A 59 16.36 0.43 -4.36
N ILE A 60 16.02 0.45 -5.67
CA ILE A 60 15.90 1.69 -6.45
C ILE A 60 14.44 2.11 -6.50
N GLY A 61 14.20 3.42 -6.65
CA GLY A 61 12.91 3.94 -7.05
C GLY A 61 11.96 4.21 -5.90
N THR A 62 12.42 4.08 -4.65
CA THR A 62 11.55 4.18 -3.49
C THR A 62 11.70 5.52 -2.80
N THR A 63 10.89 5.70 -1.76
CA THR A 63 11.02 6.84 -0.86
C THR A 63 11.62 6.41 0.48
N THR A 64 12.60 5.49 0.44
CA THR A 64 13.16 4.92 1.68
C THR A 64 14.66 4.90 1.74
N ASN A 65 15.37 5.22 0.66
CA ASN A 65 16.81 5.05 0.47
C ASN A 65 17.22 3.60 0.20
N GLY A 66 16.27 2.67 0.06
CA GLY A 66 16.63 1.28 -0.19
C GLY A 66 15.40 0.51 -0.60
N PRO A 67 15.31 -0.77 -0.26
CA PRO A 67 14.07 -1.47 -0.51
C PRO A 67 12.95 -0.87 0.28
N ASN A 68 11.74 -1.11 -0.19
CA ASN A 68 10.56 -0.72 0.60
C ASN A 68 9.86 -2.00 1.07
N TRP A 69 8.68 -1.85 1.67
CA TRP A 69 7.98 -3.04 2.24
C TRP A 69 7.74 -4.11 1.17
N ILE A 70 7.48 -3.70 -0.06
CA ILE A 70 7.20 -4.67 -1.16
C ILE A 70 8.49 -5.40 -1.54
N GLY A 71 9.59 -4.66 -1.61
CA GLY A 71 10.87 -5.31 -1.92
C GLY A 71 11.28 -6.27 -0.83
N TYR A 72 11.01 -5.88 0.41
CA TYR A 72 11.36 -6.77 1.54
C TYR A 72 10.44 -8.02 1.53
N LEU A 73 9.15 -7.79 1.33
CA LEU A 73 8.20 -8.93 1.30
C LEU A 73 8.54 -9.88 0.13
N THR A 74 9.00 -9.32 -0.98
CA THR A 74 9.25 -10.15 -2.17
C THR A 74 10.58 -10.88 -2.09
N THR A 75 11.61 -10.25 -1.54
CA THR A 75 12.96 -10.83 -1.61
C THR A 75 13.53 -11.24 -0.27
N THR A 76 13.04 -10.70 0.84
CA THR A 76 13.64 -10.98 2.16
C THR A 76 12.70 -11.82 3.03
N GLU A 77 11.42 -11.50 3.03
CA GLU A 77 10.47 -12.19 3.95
C GLU A 77 9.72 -13.31 3.24
N ASN A 78 10.05 -13.54 1.98
CA ASN A 78 9.31 -14.55 1.19
C ASN A 78 9.62 -15.97 1.65
N ALA A 79 8.61 -16.83 1.66
CA ALA A 79 8.79 -18.25 2.01
C ALA A 79 8.92 -19.08 0.74
N SER A 80 8.59 -18.50 -0.40
CA SER A 80 8.67 -19.18 -1.68
C SER A 80 8.82 -18.07 -2.71
N LEU A 81 8.77 -18.42 -3.99
CA LEU A 81 9.06 -17.43 -5.03
C LEU A 81 7.89 -16.44 -5.15
N VAL A 82 8.24 -15.16 -4.98
CA VAL A 82 7.25 -14.07 -5.14
C VAL A 82 7.72 -13.20 -6.30
N LEU A 83 6.82 -12.91 -7.22
CA LEU A 83 7.12 -12.03 -8.36
C LEU A 83 6.34 -10.74 -8.14
N SER A 84 7.03 -9.58 -8.17
CA SER A 84 6.42 -8.30 -7.83
C SER A 84 6.14 -7.49 -9.09
N TYR A 85 4.87 -7.10 -9.26
CA TYR A 85 4.45 -6.21 -10.34
C TYR A 85 3.85 -5.01 -9.64
N ASN A 86 4.66 -3.98 -9.45
CA ASN A 86 4.32 -2.92 -8.50
C ASN A 86 3.86 -1.67 -9.24
N LEU A 87 2.54 -1.45 -9.27
CA LEU A 87 1.96 -0.36 -10.03
C LEU A 87 1.78 0.92 -9.21
N ALA A 88 2.22 0.94 -7.96
CA ALA A 88 2.06 2.11 -7.10
C ALA A 88 2.77 3.33 -7.68
N ALA A 89 2.17 4.52 -7.49
CA ALA A 89 2.72 5.73 -8.07
C ALA A 89 2.68 6.85 -7.03
N GLY A 90 3.75 7.64 -6.98
CA GLY A 90 3.85 8.71 -5.98
C GLY A 90 2.68 9.67 -6.08
N GLY A 91 2.18 10.06 -4.89
CA GLY A 91 1.13 11.07 -4.80
C GLY A 91 -0.26 10.57 -5.11
N ALA A 92 -0.41 9.27 -5.40
CA ALA A 92 -1.70 8.77 -5.84
C ALA A 92 -2.79 8.95 -4.79
N THR A 93 -3.99 9.37 -5.26
CA THR A 93 -5.23 9.24 -4.52
C THR A 93 -6.02 8.10 -5.13
N ILE A 94 -7.21 7.79 -4.58
CA ILE A 94 -8.00 6.66 -5.06
C ILE A 94 -8.54 6.94 -6.46
N ASP A 95 -9.20 8.07 -6.64
CA ASP A 95 -9.78 8.39 -7.95
C ASP A 95 -9.87 9.90 -8.07
N ASN A 96 -9.27 10.46 -9.15
CA ASN A 96 -9.28 11.90 -9.30
C ASN A 96 -10.67 12.52 -9.45
N ALA A 97 -11.72 11.71 -9.62
CA ALA A 97 -13.08 12.22 -9.58
C ALA A 97 -13.56 12.48 -8.16
N LEU A 98 -12.82 12.00 -7.15
CA LEU A 98 -13.14 12.22 -5.75
C LEU A 98 -12.12 13.23 -5.25
N VAL A 99 -11.05 12.80 -4.59
CA VAL A 99 -9.95 13.69 -4.21
C VAL A 99 -8.90 13.58 -5.31
N PRO A 100 -8.64 14.64 -6.06
CA PRO A 100 -7.65 14.57 -7.15
C PRO A 100 -6.27 14.94 -6.67
N ALA A 101 -5.27 14.45 -7.40
CA ALA A 101 -3.90 14.89 -7.17
C ALA A 101 -3.09 14.74 -8.44
N TYR A 102 -2.67 13.51 -8.72
CA TYR A 102 -1.77 13.21 -9.83
C TYR A 102 -2.43 12.27 -10.80
N PRO A 103 -1.96 12.22 -12.05
CA PRO A 103 -2.68 11.41 -13.06
C PRO A 103 -2.71 9.96 -12.70
N GLY A 104 -1.63 9.48 -12.09
CA GLY A 104 -1.55 8.05 -11.72
C GLY A 104 -2.25 7.71 -10.43
N ASP A 105 -3.55 7.97 -10.38
CA ASP A 105 -4.35 7.62 -9.23
C ASP A 105 -4.54 6.10 -9.18
N LEU A 106 -5.18 5.64 -8.10
CA LEU A 106 -5.41 4.21 -7.98
C LEU A 106 -6.24 3.70 -9.14
N ALA A 107 -7.26 4.49 -9.57
CA ALA A 107 -8.05 4.04 -10.73
C ALA A 107 -7.15 3.77 -11.94
N SER A 108 -6.19 4.66 -12.20
CA SER A 108 -5.30 4.50 -13.36
CA SER A 108 -5.32 4.48 -13.37
C SER A 108 -4.39 3.31 -13.20
N GLN A 109 -4.03 2.97 -11.95
CA GLN A 109 -3.20 1.78 -11.72
C GLN A 109 -3.99 0.51 -12.01
N PHE A 110 -5.27 0.48 -11.60
CA PHE A 110 -6.13 -0.63 -11.97
C PHE A 110 -6.31 -0.71 -13.47
N ARG A 111 -6.35 0.45 -14.17
CA ARG A 111 -6.47 0.42 -15.62
CA ARG A 111 -6.46 0.42 -15.62
C ARG A 111 -5.21 -0.14 -16.27
N LEU A 112 -4.03 0.21 -15.73
CA LEU A 112 -2.78 -0.38 -16.22
C LEU A 112 -2.82 -1.89 -16.00
N PHE A 113 -3.28 -2.33 -14.84
CA PHE A 113 -3.43 -3.79 -14.62
C PHE A 113 -4.37 -4.40 -15.69
N GLU A 114 -5.53 -3.76 -15.88
CA GLU A 114 -6.48 -4.31 -16.84
CA GLU A 114 -6.50 -4.30 -16.83
C GLU A 114 -5.89 -4.37 -18.24
N ASP A 115 -5.07 -3.39 -18.61
CA ASP A 115 -4.48 -3.33 -19.94
C ASP A 115 -3.42 -4.39 -20.14
N VAL A 116 -2.62 -4.69 -19.13
CA VAL A 116 -1.39 -5.46 -19.33
C VAL A 116 -1.46 -6.86 -18.71
N TYR A 117 -2.03 -7.00 -17.51
CA TYR A 117 -1.89 -8.31 -16.81
C TYR A 117 -3.20 -9.03 -16.48
N ALA A 118 -4.31 -8.31 -16.54
CA ALA A 118 -5.61 -8.91 -16.13
C ALA A 118 -5.93 -10.17 -16.93
N ASP A 119 -5.51 -10.20 -18.19
CA ASP A 119 -5.87 -11.32 -19.04
C ASP A 119 -4.86 -12.44 -18.95
N LYS A 120 -4.02 -12.42 -17.92
CA LYS A 120 -3.09 -13.54 -17.63
C LYS A 120 -2.22 -13.85 -18.86
N PRO A 121 -1.38 -12.90 -19.28
CA PRO A 121 -0.46 -13.15 -20.40
C PRO A 121 0.64 -14.13 -20.02
N ALA A 122 1.35 -14.62 -21.04
CA ALA A 122 2.43 -15.58 -20.78
C ALA A 122 3.45 -15.01 -19.81
N SER A 123 3.64 -13.69 -19.80
CA SER A 123 4.62 -13.09 -18.91
C SER A 123 4.15 -13.06 -17.47
N ALA A 124 2.85 -13.20 -17.23
CA ALA A 124 2.29 -13.23 -15.86
C ALA A 124 1.07 -14.14 -15.85
N PRO A 125 1.27 -15.47 -16.00
CA PRO A 125 0.14 -16.44 -16.15
C PRO A 125 -0.47 -16.78 -14.81
N TRP A 126 -1.08 -15.78 -14.21
CA TRP A 126 -1.58 -15.95 -12.84
C TRP A 126 -2.93 -16.62 -12.75
N SER A 127 -3.26 -17.11 -11.56
N SER A 127 -3.25 -17.12 -11.57
CA SER A 127 -4.57 -17.77 -11.35
CA SER A 127 -4.57 -17.78 -11.35
C SER A 127 -5.07 -17.34 -9.97
C SER A 127 -5.09 -17.32 -9.98
N ALA A 128 -6.31 -17.72 -9.64
CA ALA A 128 -6.87 -17.36 -8.32
C ALA A 128 -5.99 -17.90 -7.20
N GLU A 129 -5.38 -19.06 -7.41
CA GLU A 129 -4.63 -19.69 -6.31
C GLU A 129 -3.23 -19.11 -6.09
N ASP A 130 -2.74 -18.30 -7.03
CA ASP A 130 -1.33 -17.87 -6.89
C ASP A 130 -1.15 -16.35 -7.08
N ALA A 131 -2.25 -15.62 -7.17
CA ALA A 131 -2.16 -14.16 -7.32
C ALA A 131 -2.59 -13.46 -6.04
N VAL A 132 -1.77 -12.50 -5.60
CA VAL A 132 -2.10 -11.70 -4.41
C VAL A 132 -2.13 -10.23 -4.85
N PHE A 133 -3.24 -9.57 -4.52
CA PHE A 133 -3.44 -8.15 -4.88
C PHE A 133 -3.32 -7.30 -3.62
N GLY A 134 -2.26 -6.50 -3.56
CA GLY A 134 -2.00 -5.66 -2.40
C GLY A 134 -2.29 -4.20 -2.69
N VAL A 135 -3.05 -3.57 -1.80
CA VAL A 135 -3.45 -2.15 -1.99
C VAL A 135 -3.11 -1.36 -0.72
N TRP A 136 -2.33 -0.30 -0.89
CA TRP A 136 -2.05 0.63 0.22
C TRP A 136 -2.36 2.03 -0.30
N ILE A 137 -3.57 2.49 0.01
CA ILE A 137 -4.02 3.80 -0.52
C ILE A 137 -4.78 4.56 0.59
N GLY A 138 -4.78 5.87 0.48
CA GLY A 138 -5.57 6.68 1.42
C GLY A 138 -4.75 7.77 2.06
N ILE A 139 -3.44 7.58 2.13
CA ILE A 139 -2.58 8.65 2.72
C ILE A 139 -2.87 10.01 2.04
N ASN A 140 -2.91 10.01 0.71
CA ASN A 140 -3.06 11.31 0.01
C ASN A 140 -4.51 11.77 -0.04
N ASP A 141 -5.45 10.84 -0.11
CA ASP A 141 -6.84 11.25 -0.05
C ASP A 141 -7.12 11.98 1.26
N ILE A 142 -6.67 11.39 2.37
CA ILE A 142 -6.83 12.03 3.67
C ILE A 142 -5.99 13.28 3.77
N GLY A 143 -4.76 13.24 3.29
CA GLY A 143 -3.87 14.40 3.40
C GLY A 143 -4.42 15.61 2.66
N ASN A 144 -5.16 15.37 1.60
CA ASN A 144 -5.70 16.46 0.80
C ASN A 144 -7.11 16.85 1.17
N ALA A 145 -7.87 16.02 1.88
CA ALA A 145 -9.28 16.30 2.09
C ALA A 145 -9.69 16.35 3.55
N TYR A 146 -8.77 16.19 4.49
CA TYR A 146 -9.15 16.07 5.93
C TYR A 146 -9.83 17.34 6.51
N TYR A 147 -9.59 18.50 5.92
CA TYR A 147 -10.14 19.74 6.50
C TYR A 147 -11.27 20.27 5.66
N SER A 148 -11.49 19.68 4.50
CA SER A 148 -12.45 20.24 3.57
C SER A 148 -13.66 19.35 3.36
N THR A 149 -13.67 18.15 3.95
CA THR A 149 -14.76 17.21 3.78
C THR A 149 -15.14 16.66 5.14
N ASP A 150 -16.34 16.09 5.17
CA ASP A 150 -16.87 15.45 6.40
C ASP A 150 -16.50 13.97 6.36
N ALA A 151 -15.68 13.53 7.29
CA ALA A 151 -15.18 12.13 7.24
C ALA A 151 -16.31 11.12 7.22
N GLU A 152 -17.32 11.32 8.08
CA GLU A 152 -18.38 10.31 8.18
C GLU A 152 -19.16 10.12 6.87
N THR A 153 -19.37 11.19 6.09
CA THR A 153 -20.16 11.09 4.84
C THR A 153 -19.24 10.92 3.64
N TYR A 154 -18.02 11.44 3.73
CA TYR A 154 -17.13 11.43 2.55
C TYR A 154 -16.26 10.18 2.50
N THR A 155 -15.77 9.71 3.65
CA THR A 155 -14.87 8.56 3.48
C THR A 155 -15.62 7.32 2.98
N PRO A 156 -16.93 7.10 3.20
CA PRO A 156 -17.64 5.97 2.54
C PRO A 156 -17.55 6.08 1.01
N LYS A 157 -17.52 7.30 0.47
CA LYS A 157 -17.42 7.40 -0.97
C LYS A 157 -16.06 6.94 -1.48
N LEU A 158 -14.98 7.34 -0.76
CA LEU A 158 -13.65 6.87 -1.12
C LEU A 158 -13.59 5.36 -1.03
N ILE A 159 -14.08 4.82 0.08
CA ILE A 159 -13.99 3.37 0.31
C ILE A 159 -14.84 2.61 -0.71
N SER A 160 -16.01 3.16 -1.09
CA SER A 160 -16.83 2.52 -2.09
CA SER A 160 -16.83 2.51 -2.10
C SER A 160 -16.11 2.48 -3.44
N ARG A 161 -15.36 3.56 -3.75
CA ARG A 161 -14.64 3.55 -5.01
C ARG A 161 -13.49 2.55 -4.97
N LEU A 162 -12.80 2.47 -3.83
CA LEU A 162 -11.80 1.42 -3.67
C LEU A 162 -12.43 0.05 -3.90
N GLU A 163 -13.59 -0.19 -3.29
CA GLU A 163 -14.24 -1.49 -3.44
C GLU A 163 -14.57 -1.79 -4.89
N SER A 164 -15.06 -0.79 -5.64
CA SER A 164 -15.38 -1.04 -7.05
CA SER A 164 -15.39 -1.06 -7.04
C SER A 164 -14.15 -1.34 -7.89
N LEU A 165 -12.98 -0.74 -7.54
CA LEU A 165 -11.76 -1.11 -8.25
C LEU A 165 -11.39 -2.55 -7.92
N VAL A 166 -11.50 -2.93 -6.65
CA VAL A 166 -11.20 -4.33 -6.23
C VAL A 166 -12.11 -5.29 -7.02
N GLU A 167 -13.35 -4.84 -7.24
CA GLU A 167 -14.26 -5.71 -7.95
CA GLU A 167 -14.27 -5.70 -7.95
C GLU A 167 -13.81 -5.98 -9.37
N GLU A 168 -13.12 -5.02 -10.00
CA GLU A 168 -12.58 -5.29 -11.34
C GLU A 168 -11.62 -6.48 -11.33
N VAL A 169 -10.73 -6.54 -10.35
CA VAL A 169 -9.76 -7.66 -10.27
C VAL A 169 -10.51 -8.96 -9.92
N TYR A 170 -11.51 -8.84 -9.06
CA TYR A 170 -12.31 -10.02 -8.71
C TYR A 170 -12.94 -10.60 -9.99
N LYS A 171 -13.45 -9.71 -10.85
CA LYS A 171 -14.06 -10.18 -12.09
C LYS A 171 -13.03 -10.83 -13.00
N ASN A 172 -11.76 -10.45 -12.86
CA ASN A 172 -10.68 -11.07 -13.66
C ASN A 172 -10.29 -12.45 -13.11
N GLY A 173 -10.71 -12.76 -11.88
CA GLY A 173 -10.37 -14.05 -11.25
C GLY A 173 -9.50 -13.92 -10.02
N GLY A 174 -9.30 -12.68 -9.55
CA GLY A 174 -8.51 -12.48 -8.33
C GLY A 174 -9.29 -12.86 -7.08
N ARG A 175 -8.63 -13.54 -6.15
CA ARG A 175 -9.33 -14.02 -4.95
C ARG A 175 -8.52 -13.79 -3.66
N LYS A 176 -7.26 -13.39 -3.78
CA LYS A 176 -6.41 -13.16 -2.58
C LYS A 176 -6.05 -11.68 -2.52
N PHE A 177 -6.39 -11.03 -1.41
CA PHE A 177 -6.24 -9.56 -1.32
C PHE A 177 -5.58 -9.16 -0.01
N LEU A 178 -4.71 -8.16 -0.13
CA LEU A 178 -4.02 -7.61 1.05
C LEU A 178 -4.30 -6.10 1.07
N PHE A 179 -4.87 -5.63 2.16
CA PHE A 179 -5.14 -4.19 2.31
C PHE A 179 -4.38 -3.66 3.50
N LEU A 180 -3.68 -2.57 3.29
CA LEU A 180 -2.97 -1.92 4.40
C LEU A 180 -3.77 -0.67 4.78
N ASN A 181 -4.03 -0.52 6.06
CA ASN A 181 -4.72 0.72 6.50
C ASN A 181 -3.73 1.87 6.47
N VAL A 182 -4.25 3.07 6.67
CA VAL A 182 -3.40 4.27 6.56
C VAL A 182 -2.59 4.43 7.85
N PRO A 183 -1.27 4.63 7.73
CA PRO A 183 -0.44 4.84 8.89
C PRO A 183 -0.59 6.26 9.41
N PRO A 184 -0.05 6.51 10.62
CA PRO A 184 -0.21 7.84 11.24
C PRO A 184 0.66 8.91 10.60
N THR A 185 0.32 9.27 9.37
CA THR A 185 1.00 10.38 8.68
C THR A 185 0.72 11.68 9.41
N SER A 186 -0.31 11.68 10.25
CA SER A 186 -0.58 12.83 11.10
C SER A 186 0.64 13.22 11.92
N ARG A 187 1.54 12.25 12.21
CA ARG A 187 2.71 12.47 13.04
C ARG A 187 4.00 12.47 12.23
N SER A 188 3.85 12.60 10.92
CA SER A 188 5.03 12.83 10.07
C SER A 188 5.48 14.25 10.36
N PRO A 189 6.79 14.59 10.23
CA PRO A 189 7.21 15.98 10.40
C PRO A 189 6.38 16.99 9.59
N LEU A 190 5.97 16.59 8.39
CA LEU A 190 5.17 17.50 7.52
C LEU A 190 3.91 17.98 8.25
N PHE A 191 3.24 17.10 8.97
CA PHE A 191 1.98 17.47 9.66
C PHE A 191 2.28 18.08 11.04
N LEU A 192 3.29 17.54 11.72
CA LEU A 192 3.65 18.08 13.06
C LEU A 192 3.88 19.59 12.95
N GLU A 193 4.53 20.02 11.88
CA GLU A 193 4.87 21.45 11.69
C GLU A 193 3.61 22.32 11.54
N GLN A 194 2.47 21.73 11.18
CA GLN A 194 1.25 22.52 10.92
C GLN A 194 0.52 22.79 12.24
N GLY A 195 0.97 22.17 13.32
CA GLY A 195 0.36 22.43 14.63
C GLY A 195 -0.37 21.25 15.19
N GLU A 196 -0.48 21.22 16.52
CA GLU A 196 -1.08 20.03 17.11
C GLU A 196 -2.56 19.91 16.77
N GLU A 197 -3.26 21.01 16.54
CA GLU A 197 -4.71 20.90 16.26
C GLU A 197 -4.91 20.34 14.82
N VAL A 198 -3.96 20.61 13.93
CA VAL A 198 -4.03 20.04 12.54
C VAL A 198 -3.69 18.55 12.61
N VAL A 199 -2.66 18.21 13.39
CA VAL A 199 -2.36 16.78 13.60
C VAL A 199 -3.65 16.09 14.07
N LYS A 200 -4.34 16.71 15.01
CA LYS A 200 -5.56 16.09 15.60
C LYS A 200 -6.68 16.00 14.54
N GLN A 201 -6.89 17.08 13.80
CA GLN A 201 -7.98 17.08 12.80
C GLN A 201 -7.71 15.99 11.77
N HIS A 202 -6.45 15.93 11.34
CA HIS A 202 -6.07 14.91 10.34
C HIS A 202 -6.23 13.50 10.94
N ALA A 203 -5.73 13.33 12.15
CA ALA A 203 -5.77 12.00 12.79
C ALA A 203 -7.21 11.52 12.97
N GLU A 204 -8.10 12.43 13.36
CA GLU A 204 -9.50 12.02 13.63
C GLU A 204 -10.16 11.60 12.30
N TYR A 205 -9.88 12.33 11.24
CA TYR A 205 -10.43 11.96 9.91
C TYR A 205 -9.87 10.59 9.51
N LEU A 206 -8.56 10.45 9.65
CA LEU A 206 -7.89 9.22 9.27
C LEU A 206 -8.51 8.04 10.02
N SER A 207 -8.80 8.21 11.30
CA SER A 207 -9.38 7.12 12.06
CA SER A 207 -9.38 7.10 12.05
CA SER A 207 -9.38 7.11 12.06
C SER A 207 -10.70 6.66 11.44
N VAL A 208 -11.51 7.58 10.97
CA VAL A 208 -12.83 7.22 10.37
C VAL A 208 -12.58 6.48 9.05
N TYR A 209 -11.66 7.01 8.25
CA TYR A 209 -11.31 6.30 7.03
C TYR A 209 -10.89 4.86 7.34
N ASN A 210 -10.01 4.68 8.32
CA ASN A 210 -9.51 3.33 8.58
C ASN A 210 -10.64 2.42 9.09
N GLU A 211 -11.56 2.98 9.89
CA GLU A 211 -12.71 2.18 10.35
C GLU A 211 -13.55 1.73 9.15
N ASN A 212 -13.80 2.65 8.23
CA ASN A 212 -14.61 2.28 7.08
C ASN A 212 -13.88 1.32 6.15
N LEU A 213 -12.56 1.44 6.03
CA LEU A 213 -11.78 0.46 5.26
C LEU A 213 -11.96 -0.92 5.86
N GLU A 214 -11.83 -1.03 7.19
CA GLU A 214 -11.98 -2.34 7.81
C GLU A 214 -13.38 -2.87 7.56
N GLY A 215 -14.41 -2.03 7.67
CA GLY A 215 -15.75 -2.50 7.41
C GLY A 215 -15.91 -3.02 5.99
N MET A 216 -15.32 -2.33 5.03
CA MET A 216 -15.45 -2.76 3.64
C MET A 216 -14.76 -4.09 3.43
N VAL A 217 -13.54 -4.23 3.96
CA VAL A 217 -12.82 -5.49 3.78
C VAL A 217 -13.60 -6.62 4.41
N ASP A 218 -14.18 -6.40 5.59
CA ASP A 218 -14.97 -7.46 6.22
C ASP A 218 -16.19 -7.79 5.37
N ASP A 219 -16.89 -6.75 4.90
CA ASP A 219 -18.11 -6.98 4.12
C ASP A 219 -17.80 -7.68 2.80
N PHE A 220 -16.74 -7.26 2.15
CA PHE A 220 -16.33 -7.89 0.87
C PHE A 220 -16.02 -9.35 1.12
N THR A 221 -15.21 -9.61 2.16
CA THR A 221 -14.82 -10.99 2.43
C THR A 221 -16.04 -11.86 2.65
N LYS A 222 -16.99 -11.39 3.46
CA LYS A 222 -18.17 -12.20 3.77
C LYS A 222 -19.06 -12.37 2.55
N LYS A 223 -19.26 -11.29 1.79
CA LYS A 223 -20.17 -11.31 0.64
C LYS A 223 -19.66 -12.26 -0.45
N LYS A 224 -18.36 -12.21 -0.74
CA LYS A 224 -17.84 -13.06 -1.81
C LYS A 224 -17.77 -14.51 -1.38
N GLY A 225 -17.28 -14.76 -0.15
CA GLY A 225 -17.21 -16.09 0.40
C GLY A 225 -16.08 -16.95 -0.12
N ASP A 226 -15.43 -16.55 -1.22
CA ASP A 226 -14.39 -17.37 -1.83
C ASP A 226 -13.08 -16.62 -1.92
N VAL A 227 -12.93 -15.62 -1.06
CA VAL A 227 -11.70 -14.79 -1.08
C VAL A 227 -10.88 -14.97 0.20
N THR A 228 -9.58 -14.79 0.09
CA THR A 228 -8.69 -14.83 1.26
C THR A 228 -8.20 -13.40 1.40
N THR A 229 -8.50 -12.77 2.53
CA THR A 229 -8.15 -11.35 2.69
C THR A 229 -7.35 -11.10 3.96
N VAL A 230 -6.48 -10.11 3.88
CA VAL A 230 -5.73 -9.67 5.08
C VAL A 230 -5.84 -8.15 5.17
N LEU A 231 -6.30 -7.67 6.31
CA LEU A 231 -6.23 -6.23 6.58
C LEU A 231 -5.06 -6.07 7.52
N TYR A 232 -3.99 -5.40 7.04
CA TYR A 232 -2.80 -5.18 7.86
C TYR A 232 -2.91 -3.81 8.51
N ASP A 233 -2.84 -3.80 9.83
CA ASP A 233 -2.99 -2.56 10.61
C ASP A 233 -1.64 -1.87 10.75
N SER A 234 -1.26 -1.18 9.68
CA SER A 234 0.02 -0.42 9.70
C SER A 234 -0.09 0.72 10.71
N TRP A 235 -1.31 1.18 10.91
CA TRP A 235 -1.47 2.33 11.81
C TRP A 235 -0.98 1.96 13.20
N SER A 236 -1.44 0.83 13.73
CA SER A 236 -1.03 0.47 15.07
C SER A 236 0.47 0.16 15.12
N PHE A 237 1.01 -0.42 14.05
CA PHE A 237 2.43 -0.83 14.12
C PHE A 237 3.33 0.42 14.16
N MET A 238 3.09 1.31 13.20
CA MET A 238 3.90 2.55 13.18
C MET A 238 3.68 3.32 14.49
N THR A 239 2.43 3.36 14.94
CA THR A 239 2.15 4.09 16.18
C THR A 239 2.99 3.56 17.33
N LYS A 240 3.17 2.24 17.40
CA LYS A 240 4.01 1.67 18.46
C LYS A 240 5.42 2.21 18.36
N ILE A 241 5.95 2.31 17.16
CA ILE A 241 7.35 2.80 16.99
C ILE A 241 7.40 4.30 17.32
N LEU A 242 6.45 5.06 16.80
CA LEU A 242 6.45 6.50 17.10
C LEU A 242 6.37 6.75 18.61
N ASP A 243 5.62 5.90 19.32
CA ASP A 243 5.44 6.08 20.75
C ASP A 243 6.64 5.61 21.56
N ASP A 244 7.48 4.71 21.02
CA ASP A 244 8.63 4.20 21.77
C ASP A 244 9.79 3.99 20.80
N PRO A 245 10.26 5.08 20.17
CA PRO A 245 11.23 4.90 19.06
C PRO A 245 12.52 4.20 19.46
N THR A 246 13.03 4.45 20.67
CA THR A 246 14.32 3.89 21.03
C THR A 246 14.24 2.37 21.20
N ALA A 247 13.04 1.82 21.45
CA ALA A 247 12.92 0.37 21.53
C ALA A 247 13.18 -0.28 20.17
N TYR A 248 13.11 0.51 19.10
CA TYR A 248 13.31 0.03 17.73
C TYR A 248 14.62 0.52 17.15
N GLY A 249 15.46 1.15 17.98
CA GLY A 249 16.73 1.64 17.51
C GLY A 249 16.68 3.00 16.86
N PHE A 250 15.59 3.73 17.05
CA PHE A 250 15.51 5.11 16.52
C PHE A 250 15.67 6.07 17.69
N PRO A 251 16.42 7.17 17.50
CA PRO A 251 16.69 8.05 18.63
C PRO A 251 15.48 8.85 19.05
N ASP A 252 14.55 9.13 18.16
CA ASP A 252 13.33 9.86 18.48
C ASP A 252 12.35 9.60 17.34
N ALA A 253 11.15 10.15 17.47
CA ALA A 253 10.09 9.86 16.51
C ALA A 253 9.97 10.94 15.43
N THR A 254 10.85 11.94 15.46
CA THR A 254 10.67 13.10 14.59
C THR A 254 11.84 13.40 13.66
N CYS A 255 13.03 12.87 13.92
CA CYS A 255 14.15 13.25 13.10
C CYS A 255 14.01 12.69 11.69
N ILE A 256 14.67 13.37 10.76
CA ILE A 256 14.68 13.00 9.34
C ILE A 256 16.13 12.69 8.97
N ASN A 257 16.34 11.60 8.25
CA ASN A 257 17.65 11.30 7.70
C ASN A 257 17.47 10.56 6.39
N ASP A 258 18.07 11.08 5.32
CA ASP A 258 17.86 10.40 4.05
C ASP A 258 18.73 9.17 3.89
N ASP A 259 19.50 8.76 4.91
CA ASP A 259 20.08 7.42 4.84
C ASP A 259 19.03 6.34 5.03
N GLY A 260 17.82 6.69 5.46
CA GLY A 260 16.76 5.72 5.60
C GLY A 260 16.82 4.88 6.85
N THR A 261 17.88 5.00 7.67
CA THR A 261 18.01 4.09 8.80
C THR A 261 18.22 4.81 10.13
N SER A 262 18.80 6.02 10.12
CA SER A 262 19.09 6.71 11.38
C SER A 262 17.83 7.24 12.04
N CYS A 263 16.80 7.50 11.27
CA CYS A 263 15.56 8.09 11.74
C CYS A 263 14.42 7.28 11.16
N ILE A 264 13.23 7.44 11.73
CA ILE A 264 12.03 6.78 11.15
C ILE A 264 11.78 7.42 9.79
N TRP A 265 12.06 8.70 9.68
CA TRP A 265 11.68 9.44 8.47
C TRP A 265 12.83 9.62 7.49
N TRP A 266 12.56 9.24 6.24
CA TRP A 266 13.53 9.45 5.18
C TRP A 266 13.45 10.87 4.65
N ASN A 267 12.23 11.39 4.62
CA ASN A 267 12.01 12.83 4.33
C ASN A 267 10.85 13.23 5.24
N ASN A 268 10.29 14.43 5.07
CA ASN A 268 9.26 14.91 6.03
C ASN A 268 7.94 14.13 6.00
N TYR A 269 7.76 13.24 5.03
CA TYR A 269 6.42 12.59 4.91
C TYR A 269 6.54 11.12 4.58
N HIS A 270 7.76 10.59 4.52
CA HIS A 270 7.93 9.19 4.08
C HIS A 270 8.95 8.49 4.97
N PRO A 271 8.61 7.32 5.52
CA PRO A 271 9.55 6.59 6.35
C PRO A 271 10.65 5.88 5.58
N GLY A 272 11.72 5.57 6.29
CA GLY A 272 12.89 5.00 5.62
C GLY A 272 12.90 3.49 5.52
N MET A 273 13.99 2.95 4.98
CA MET A 273 14.07 1.51 4.71
C MET A 273 14.04 0.70 6.01
N LYS A 274 14.61 1.24 7.09
CA LYS A 274 14.60 0.50 8.38
C LYS A 274 13.15 0.30 8.83
N TYR A 275 12.36 1.37 8.80
CA TYR A 275 10.93 1.25 9.17
C TYR A 275 10.25 0.22 8.25
N HIS A 276 10.51 0.35 6.96
CA HIS A 276 9.82 -0.55 5.99
C HIS A 276 10.19 -2.02 6.24
N LEU A 277 11.43 -2.27 6.62
CA LEU A 277 11.86 -3.65 6.94
C LEU A 277 11.14 -4.13 8.21
N LEU A 278 11.11 -3.27 9.22
CA LEU A 278 10.39 -3.65 10.45
C LEU A 278 8.92 -3.94 10.14
N GLN A 279 8.33 -3.12 9.28
CA GLN A 279 6.93 -3.39 8.89
C GLN A 279 6.83 -4.72 8.11
N ALA A 280 7.72 -4.92 7.15
CA ALA A 280 7.63 -6.18 6.39
C ALA A 280 7.79 -7.37 7.35
N GLU A 281 8.72 -7.24 8.29
CA GLU A 281 8.89 -8.32 9.25
C GLU A 281 7.64 -8.53 10.09
N ASP A 282 6.99 -7.42 10.49
CA ASP A 282 5.75 -7.54 11.24
C ASP A 282 4.65 -8.16 10.40
N MET A 283 4.65 -7.87 9.09
CA MET A 283 3.61 -8.34 8.17
C MET A 283 3.76 -9.84 7.94
N LYS A 284 4.99 -10.32 7.79
CA LYS A 284 5.22 -11.73 7.35
C LYS A 284 4.22 -12.75 7.94
N PRO A 285 4.13 -12.90 9.27
CA PRO A 285 3.24 -13.94 9.87
C PRO A 285 1.79 -13.74 9.46
N LYS A 286 1.38 -12.49 9.29
CA LYS A 286 -0.03 -12.19 8.95
C LYS A 286 -0.32 -12.49 7.46
N LEU A 287 0.72 -12.68 6.66
CA LEU A 287 0.55 -12.91 5.21
C LEU A 287 0.67 -14.40 4.83
N ARG A 288 0.82 -15.25 5.82
CA ARG A 288 1.03 -16.69 5.54
C ARG A 288 -0.18 -17.23 4.73
N LYS A 289 -1.31 -16.83 5.12
CA LYS A 289 -2.53 -17.34 4.46
C LYS A 289 -2.61 -16.89 2.99
N LEU A 290 -1.77 -15.95 2.58
CA LEU A 290 -1.81 -15.42 1.18
C LEU A 290 -0.90 -16.25 0.25
N GLY A 291 0.00 -17.07 0.80
CA GLY A 291 0.73 -18.01 -0.07
C GLY A 291 2.21 -17.77 -0.28
N GLY A 292 2.73 -16.58 -0.06
CA GLY A 292 4.16 -16.38 -0.38
C GLY A 292 5.01 -16.13 0.83
N TRP A 293 4.44 -16.32 2.02
CA TRP A 293 5.15 -15.93 3.25
C TRP A 293 5.03 -16.99 4.35
C ACT B . 2.83 9.89 -1.23
O ACT B . 2.29 9.45 -2.22
OXT ACT B . 3.72 10.73 -1.24
CH3 ACT B . 2.38 9.36 0.14
#